data_9V4U
#
_entry.id   9V4U
#
_cell.length_a   37.933
_cell.length_b   52.431
_cell.length_c   218.524
_cell.angle_alpha   90.00
_cell.angle_beta   90.00
_cell.angle_gamma   90.00
#
_symmetry.space_group_name_H-M   'C 2 2 21'
#
loop_
_entity.id
_entity.type
_entity.pdbx_description
1 polymer 'RNA (71-MER)'
2 non-polymer 2-AMINO-7,8-DIHYDRO-6-(1,2,3-TRIHYDROXYPROPYL)-4(1H)-PTERIDINONE
3 non-polymer 'MAGNESIUM ION'
4 water water
#
_entity_poly.entity_id   1
_entity_poly.type   'polyribonucleotide'
_entity_poly.pdbx_seq_one_letter_code
;GGGUUGUAUAAGCUCGUUAAUUUGGAAUGAGCGUAUCUACAGGCAACCGUAAAUUGCCCCAGGCUACAAUC
;
_entity_poly.pdbx_strand_id   A
#